data_9VG4
#
_entry.id   9VG4
#
_cell.length_a   141.830
_cell.length_b   141.830
_cell.length_c   83.390
_cell.angle_alpha   90.00
_cell.angle_beta   90.00
_cell.angle_gamma   120.00
#
_symmetry.space_group_name_H-M   'H 3'
#
loop_
_entity.id
_entity.type
_entity.pdbx_description
1 polymer 'Alpha-ketoglutarate-dependent dioxygenase FTO'
2 non-polymer '2-[[2-chloranyl-6-ethyl-4-[2-[[(E)-4-oxidanyl-4-oxidanylidene-but-2-enoyl]amino]ethylcarbamoyl]phenyl]amino]benzoic acid'
3 non-polymer N-OXALYLGLYCINE
4 non-polymer 'FE (III) ION'
5 water water
#
_entity_poly.entity_id   1
_entity_poly.type   'polypeptide(L)'
_entity_poly.pdbx_seq_one_letter_code
;GSHMTPKDDEFYQQWQLKYPKLILREASSVSEELHKEVQEAFLTLHKHGCLFRDLVRIQGKDLLTPVSRILIGNPGCTYK
YLNTRLFTVPWPVKGSNIKHTEAEIAAACETFLKLNDYLQIETIQALEELAAKEKANEDAVPLCMSADFPRVGMGSSYNG
QDEVDIKSRAAYNVTLLNFMDPQKMPYLKEEPYFGMGKMAVSWHHDENLVDRSAVAVYSYSCEGPEEESEDDSHLEGRDP
DIWHVGFKISWDIETPGLAIPLHQGDCYFMLDDLNATHQHCVLAGSQPRFSSTHRVAECSTGTLDYILQRCQLALQNVCD
DVDNDDVSLKSFEPAVLKQGEEIHNEVEFEWLRQFWFQGNRYRKCTDWWCQPMAQLEALWKKMEGVTNAVLHEVKREGLP
VEQRNEILTAILASLTARQNLRREWHARCQSRIARTLPADQKPECRPYWEKDDASMPLPFDLTDIVSELRGQLLE
;
_entity_poly.pdbx_strand_id   A
#
# COMPACT_ATOMS: atom_id res chain seq x y z
CA GLY A 1 28.06 -11.49 -11.55
C GLY A 1 28.14 -10.42 -12.63
N SER A 2 27.36 -10.58 -13.71
CA SER A 2 27.31 -9.62 -14.82
C SER A 2 25.86 -9.31 -15.24
N HIS A 3 25.67 -8.45 -16.25
CA HIS A 3 24.32 -8.20 -16.74
C HIS A 3 24.29 -7.89 -18.23
N MET A 4 23.09 -7.99 -18.82
CA MET A 4 22.93 -7.79 -20.25
C MET A 4 21.96 -6.67 -20.54
N THR A 5 22.34 -5.86 -21.53
CA THR A 5 21.53 -4.80 -22.10
C THR A 5 21.38 -5.07 -23.60
N PRO A 6 20.63 -4.24 -24.34
CA PRO A 6 20.52 -4.40 -25.79
C PRO A 6 21.85 -4.29 -26.57
N LYS A 7 22.92 -3.88 -25.90
CA LYS A 7 24.23 -3.79 -26.51
C LYS A 7 24.78 -5.21 -26.63
N ASP A 8 24.31 -6.14 -25.78
CA ASP A 8 24.81 -7.50 -25.77
C ASP A 8 23.97 -8.36 -26.70
N ASP A 9 24.64 -9.32 -27.38
CA ASP A 9 24.04 -10.13 -28.44
C ASP A 9 23.12 -11.17 -27.78
N GLU A 10 23.46 -11.55 -26.55
CA GLU A 10 22.77 -12.60 -25.84
C GLU A 10 21.49 -12.08 -25.17
N PHE A 11 21.29 -10.76 -25.13
CA PHE A 11 20.20 -10.13 -24.41
C PHE A 11 18.85 -10.55 -24.99
N TYR A 12 18.80 -10.53 -26.33
CA TYR A 12 17.59 -10.74 -27.13
C TYR A 12 17.09 -12.15 -26.84
N GLN A 13 18.05 -13.04 -26.63
CA GLN A 13 17.81 -14.47 -26.53
C GLN A 13 17.60 -14.85 -25.07
N GLN A 14 18.23 -14.16 -24.14
CA GLN A 14 17.89 -14.36 -22.73
C GLN A 14 16.44 -13.89 -22.55
N TRP A 15 16.09 -12.78 -23.20
CA TRP A 15 14.75 -12.27 -23.05
C TRP A 15 13.71 -13.25 -23.61
N GLN A 16 13.92 -13.67 -24.88
CA GLN A 16 13.02 -14.57 -25.61
C GLN A 16 12.83 -15.86 -24.83
N LEU A 17 13.93 -16.38 -24.27
CA LEU A 17 13.90 -17.72 -23.71
C LEU A 17 13.26 -17.63 -22.33
N LYS A 18 13.79 -16.72 -21.51
CA LYS A 18 13.69 -16.79 -20.05
C LYS A 18 12.90 -15.62 -19.42
N TYR A 19 12.29 -14.78 -20.26
CA TYR A 19 11.48 -13.66 -19.83
C TYR A 19 10.37 -13.51 -20.84
N PRO A 20 9.74 -14.61 -21.27
CA PRO A 20 8.58 -14.44 -22.14
C PRO A 20 7.46 -13.65 -21.45
N LYS A 21 7.48 -13.60 -20.08
CA LYS A 21 6.38 -12.95 -19.36
C LYS A 21 6.63 -11.47 -19.19
N LEU A 22 7.79 -10.99 -19.64
CA LEU A 22 8.09 -9.58 -19.65
C LEU A 22 7.88 -9.02 -21.05
N ILE A 23 7.05 -7.99 -21.16
CA ILE A 23 6.74 -7.31 -22.42
C ILE A 23 7.20 -5.85 -22.33
N LEU A 24 7.64 -5.31 -23.47
CA LEU A 24 7.96 -3.92 -23.63
C LEU A 24 7.19 -3.43 -24.83
N ARG A 25 6.44 -2.35 -24.63
CA ARG A 25 5.78 -1.67 -25.71
C ARG A 25 6.37 -0.28 -25.72
N GLU A 26 7.05 0.07 -26.81
CA GLU A 26 7.90 1.25 -26.77
C GLU A 26 7.00 2.42 -27.01
N ALA A 27 7.57 3.59 -26.76
CA ALA A 27 6.82 4.84 -26.80
C ALA A 27 6.05 4.98 -28.12
N SER A 28 6.65 4.49 -29.19
CA SER A 28 6.10 4.55 -30.53
C SER A 28 4.72 3.90 -30.62
N SER A 29 4.40 2.95 -29.75
CA SER A 29 3.16 2.19 -29.86
C SER A 29 2.01 2.90 -29.15
N VAL A 30 2.29 4.07 -28.56
CA VAL A 30 1.34 4.79 -27.73
C VAL A 30 1.11 6.15 -28.38
N SER A 31 -0.16 6.55 -28.56
CA SER A 31 -0.46 7.83 -29.20
C SER A 31 0.27 8.97 -28.50
N GLU A 32 0.74 9.93 -29.30
CA GLU A 32 1.37 11.16 -28.81
C GLU A 32 0.31 12.03 -28.14
N GLU A 33 -0.98 11.70 -28.31
CA GLU A 33 -2.04 12.33 -27.52
C GLU A 33 -1.92 11.91 -26.04
N LEU A 34 -1.98 10.60 -25.78
CA LEU A 34 -1.79 10.10 -24.42
C LEU A 34 -0.52 10.72 -23.83
N HIS A 35 0.61 10.56 -24.53
CA HIS A 35 1.88 10.97 -23.98
C HIS A 35 1.82 12.36 -23.37
N LYS A 36 1.35 13.34 -24.14
CA LYS A 36 1.33 14.73 -23.73
C LYS A 36 0.40 14.88 -22.53
N GLU A 37 -0.79 14.24 -22.61
CA GLU A 37 -1.76 14.27 -21.52
C GLU A 37 -1.17 13.63 -20.25
N VAL A 38 -0.58 12.42 -20.37
CA VAL A 38 -0.05 11.71 -19.22
C VAL A 38 1.11 12.52 -18.66
N GLN A 39 1.95 13.06 -19.55
CA GLN A 39 3.14 13.73 -19.07
C GLN A 39 2.77 15.07 -18.44
N GLU A 40 1.74 15.74 -18.98
CA GLU A 40 1.33 17.02 -18.40
C GLU A 40 0.78 16.76 -17.00
N ALA A 41 -0.02 15.69 -16.84
CA ALA A 41 -0.59 15.29 -15.55
C ALA A 41 0.49 14.98 -14.50
N PHE A 42 1.54 14.24 -14.88
CA PHE A 42 2.67 14.04 -13.99
C PHE A 42 3.24 15.38 -13.49
N LEU A 43 3.50 16.30 -14.44
CA LEU A 43 4.11 17.61 -14.14
C LEU A 43 3.11 18.50 -13.36
N THR A 44 1.80 18.39 -13.61
CA THR A 44 0.81 19.03 -12.77
C THR A 44 0.98 18.58 -11.32
N LEU A 45 0.77 17.28 -11.11
CA LEU A 45 0.75 16.68 -9.79
C LEU A 45 1.99 17.10 -9.03
N HIS A 46 3.13 17.12 -9.73
CA HIS A 46 4.40 17.53 -9.15
C HIS A 46 4.36 18.99 -8.70
N LYS A 47 3.88 19.89 -9.57
CA LYS A 47 3.83 21.32 -9.26
C LYS A 47 3.03 21.57 -7.99
N HIS A 48 1.80 21.01 -7.95
CA HIS A 48 0.88 21.15 -6.81
C HIS A 48 1.46 20.48 -5.56
N GLY A 49 2.46 19.61 -5.72
CA GLY A 49 3.13 18.96 -4.61
C GLY A 49 2.31 17.78 -4.05
N CYS A 50 1.82 16.90 -4.94
CA CYS A 50 0.93 15.83 -4.55
C CYS A 50 1.65 14.51 -4.25
N LEU A 51 2.96 14.51 -4.48
CA LEU A 51 3.81 13.33 -4.39
C LEU A 51 4.66 13.43 -3.14
N PHE A 52 4.57 12.45 -2.24
CA PHE A 52 5.41 12.50 -1.05
C PHE A 52 6.21 11.22 -0.89
N ARG A 53 7.41 11.39 -0.37
CA ARG A 53 8.14 10.29 0.20
C ARG A 53 7.29 9.72 1.33
N ASP A 54 7.22 8.37 1.39
CA ASP A 54 6.48 7.65 2.41
C ASP A 54 7.43 7.25 3.53
N LEU A 55 6.89 7.29 4.74
CA LEU A 55 7.67 6.93 5.88
C LEU A 55 7.34 5.46 6.27
N VAL A 56 8.18 4.52 5.85
CA VAL A 56 7.85 3.10 5.77
C VAL A 56 8.67 2.39 6.85
N ARG A 57 8.55 1.06 6.89
CA ARG A 57 9.29 0.19 7.79
C ARG A 57 9.89 -0.99 7.03
N ILE A 58 11.17 -1.23 7.26
CA ILE A 58 11.98 -2.24 6.60
C ILE A 58 12.98 -2.72 7.64
N GLN A 59 13.08 -4.05 7.79
CA GLN A 59 14.01 -4.65 8.74
C GLN A 59 14.00 -3.88 10.07
N GLY A 60 12.81 -3.42 10.48
CA GLY A 60 12.65 -2.81 11.80
C GLY A 60 13.08 -1.33 11.86
N LYS A 61 13.27 -0.68 10.71
CA LYS A 61 13.82 0.67 10.66
C LYS A 61 12.83 1.60 9.98
N ASP A 62 12.81 2.87 10.39
CA ASP A 62 11.99 3.88 9.76
C ASP A 62 12.84 4.61 8.72
N LEU A 63 12.39 4.50 7.45
CA LEU A 63 13.11 4.94 6.26
C LEU A 63 12.17 5.72 5.40
N LEU A 64 12.57 6.90 4.93
CA LEU A 64 11.86 7.55 3.82
C LEU A 64 12.15 6.81 2.53
N THR A 65 11.18 6.82 1.63
CA THR A 65 11.42 6.18 0.34
C THR A 65 12.28 7.12 -0.51
N PRO A 66 13.28 6.58 -1.25
CA PRO A 66 14.05 7.41 -2.19
C PRO A 66 13.10 8.15 -3.13
N VAL A 67 11.94 7.54 -3.39
CA VAL A 67 10.98 7.99 -4.39
C VAL A 67 9.83 8.73 -3.70
N SER A 68 9.29 9.77 -4.37
CA SER A 68 8.04 10.40 -3.96
C SER A 68 6.91 9.75 -4.73
N ARG A 69 5.69 9.74 -4.17
CA ARG A 69 4.66 8.80 -4.61
C ARG A 69 3.28 9.37 -4.39
N ILE A 70 2.29 8.87 -5.14
CA ILE A 70 0.90 9.06 -4.75
C ILE A 70 0.10 7.90 -5.29
N LEU A 71 -0.95 7.48 -4.57
CA LEU A 71 -1.84 6.42 -5.04
C LEU A 71 -3.10 7.03 -5.63
N ILE A 72 -3.43 6.63 -6.87
CA ILE A 72 -4.68 6.97 -7.52
C ILE A 72 -5.43 5.68 -7.85
N GLY A 73 -6.76 5.67 -7.71
CA GLY A 73 -7.48 4.49 -8.12
C GLY A 73 -8.92 4.46 -7.66
N ASN A 74 -9.55 3.29 -7.72
CA ASN A 74 -10.92 3.13 -7.29
C ASN A 74 -11.18 3.81 -5.95
N PRO A 75 -12.36 4.46 -5.78
CA PRO A 75 -12.76 5.10 -4.51
C PRO A 75 -12.90 4.09 -3.39
N GLY A 76 -12.33 4.39 -2.24
CA GLY A 76 -12.48 3.44 -1.14
C GLY A 76 -11.42 2.32 -1.16
N CYS A 77 -10.50 2.36 -2.13
CA CYS A 77 -9.53 1.29 -2.28
C CYS A 77 -8.22 1.74 -1.62
N THR A 78 -7.49 0.75 -1.05
CA THR A 78 -6.18 0.97 -0.47
C THR A 78 -5.17 -0.06 -0.97
N TYR A 79 -3.90 0.32 -0.85
CA TYR A 79 -2.79 -0.49 -1.25
C TYR A 79 -1.74 -0.37 -0.15
N LYS A 80 -1.38 -1.52 0.38
CA LYS A 80 -0.50 -1.62 1.53
C LYS A 80 0.82 -2.26 1.09
N TYR A 81 1.94 -1.57 1.35
CA TYR A 81 3.27 -2.14 1.25
C TYR A 81 4.15 -1.64 2.40
N LEU A 82 5.12 -2.45 2.82
CA LEU A 82 6.15 -2.07 3.78
C LEU A 82 5.47 -1.48 5.02
N ASN A 83 4.27 -2.02 5.30
CA ASN A 83 3.48 -1.82 6.49
C ASN A 83 2.93 -0.41 6.45
N THR A 84 2.66 0.10 5.23
CA THR A 84 2.08 1.41 5.05
C THR A 84 0.87 1.29 4.12
N ARG A 85 -0.30 1.61 4.65
CA ARG A 85 -1.53 1.56 3.84
C ARG A 85 -1.67 2.89 3.11
N LEU A 86 -1.60 2.86 1.78
CA LEU A 86 -1.81 4.08 0.98
C LEU A 86 -3.30 4.14 0.62
N PHE A 87 -3.91 5.30 0.80
CA PHE A 87 -5.35 5.47 0.53
C PHE A 87 -5.50 6.10 -0.85
N THR A 88 -6.48 5.66 -1.62
CA THR A 88 -6.58 6.12 -3.03
C THR A 88 -7.09 7.54 -3.21
N VAL A 89 -6.38 8.33 -4.01
CA VAL A 89 -6.96 9.63 -4.42
C VAL A 89 -7.93 9.17 -5.51
N PRO A 90 -9.24 9.31 -5.33
CA PRO A 90 -10.20 8.71 -6.26
C PRO A 90 -10.13 9.10 -7.74
N TRP A 91 -10.24 8.12 -8.65
CA TRP A 91 -10.33 8.44 -10.10
C TRP A 91 -11.80 8.31 -10.49
N PRO A 92 -12.31 9.03 -11.51
CA PRO A 92 -13.75 9.08 -11.74
C PRO A 92 -14.34 7.83 -12.37
N VAL A 93 -14.24 6.71 -11.66
CA VAL A 93 -15.02 5.54 -12.03
C VAL A 93 -16.48 6.00 -12.05
N LYS A 94 -17.32 5.31 -12.87
CA LYS A 94 -18.74 5.61 -13.01
C LYS A 94 -19.48 5.31 -11.70
N GLY A 95 -20.38 6.22 -11.31
CA GLY A 95 -20.96 6.25 -9.97
C GLY A 95 -20.46 7.44 -9.17
N GLU A 102 -8.37 21.43 -6.76
CA GLU A 102 -9.24 20.29 -7.16
C GLU A 102 -9.18 20.09 -8.68
N ALA A 103 -10.04 20.77 -9.47
CA ALA A 103 -10.36 20.38 -10.84
C ALA A 103 -9.12 20.18 -11.73
N GLU A 104 -7.99 20.78 -11.35
CA GLU A 104 -6.71 20.47 -11.98
C GLU A 104 -6.25 19.05 -11.58
N ILE A 105 -6.18 18.82 -10.26
CA ILE A 105 -5.86 17.53 -9.65
C ILE A 105 -6.85 16.48 -10.14
N ALA A 106 -8.11 16.85 -10.23
CA ALA A 106 -9.14 15.90 -10.63
C ALA A 106 -8.93 15.43 -12.06
N ALA A 107 -8.33 16.29 -12.90
CA ALA A 107 -8.17 16.02 -14.33
C ALA A 107 -7.00 15.09 -14.57
N ALA A 108 -5.93 15.25 -13.78
CA ALA A 108 -4.85 14.29 -13.76
C ALA A 108 -5.38 12.90 -13.35
N CYS A 109 -6.32 12.86 -12.39
CA CYS A 109 -6.83 11.57 -11.94
C CYS A 109 -7.59 10.94 -13.09
N GLU A 110 -8.32 11.79 -13.83
CA GLU A 110 -9.06 11.35 -15.00
C GLU A 110 -8.04 10.83 -16.02
N THR A 111 -6.90 11.54 -16.18
CA THR A 111 -5.87 11.12 -17.13
C THR A 111 -5.37 9.71 -16.78
N PHE A 112 -4.97 9.52 -15.52
CA PHE A 112 -4.36 8.25 -15.13
C PHE A 112 -5.40 7.14 -15.19
N LEU A 113 -6.68 7.49 -15.09
CA LEU A 113 -7.72 6.50 -15.32
C LEU A 113 -7.73 6.12 -16.79
N LYS A 114 -7.45 7.12 -17.64
CA LYS A 114 -7.53 6.95 -19.09
C LYS A 114 -6.37 6.03 -19.48
N LEU A 115 -5.18 6.33 -18.92
CA LEU A 115 -4.00 5.49 -19.06
C LEU A 115 -4.30 4.08 -18.58
N ASN A 116 -5.06 3.95 -17.48
CA ASN A 116 -5.39 2.67 -16.86
C ASN A 116 -6.19 1.78 -17.81
N ASP A 117 -7.23 2.33 -18.45
CA ASP A 117 -8.05 1.64 -19.45
C ASP A 117 -7.20 1.15 -20.62
N TYR A 118 -6.35 2.06 -21.15
CA TYR A 118 -5.43 1.75 -22.23
C TYR A 118 -4.56 0.54 -21.86
N LEU A 119 -3.87 0.61 -20.70
CA LEU A 119 -2.89 -0.39 -20.31
C LEU A 119 -3.56 -1.72 -20.05
N GLN A 120 -4.80 -1.65 -19.55
CA GLN A 120 -5.58 -2.86 -19.33
C GLN A 120 -5.78 -3.63 -20.64
N ILE A 121 -6.17 -2.91 -21.70
CA ILE A 121 -6.46 -3.52 -22.99
C ILE A 121 -5.18 -4.17 -23.55
N GLU A 122 -4.05 -3.45 -23.48
CA GLU A 122 -2.75 -3.97 -23.92
C GLU A 122 -2.38 -5.26 -23.17
N THR A 123 -2.68 -5.33 -21.86
CA THR A 123 -2.34 -6.46 -21.00
C THR A 123 -3.13 -7.69 -21.39
N ILE A 124 -4.42 -7.46 -21.66
CA ILE A 124 -5.31 -8.56 -22.01
C ILE A 124 -4.80 -9.18 -23.31
N GLN A 125 -4.53 -8.32 -24.28
CA GLN A 125 -3.96 -8.73 -25.57
C GLN A 125 -2.72 -9.59 -25.31
N ALA A 126 -1.75 -9.04 -24.58
CA ALA A 126 -0.46 -9.73 -24.37
C ALA A 126 -0.65 -11.08 -23.69
N LEU A 127 -1.57 -11.15 -22.72
CA LEU A 127 -1.89 -12.39 -22.02
C LEU A 127 -2.53 -13.40 -22.97
N GLU A 128 -3.39 -12.88 -23.87
CA GLU A 128 -4.01 -13.69 -24.90
C GLU A 128 -2.90 -14.30 -25.78
N GLU A 129 -2.01 -13.44 -26.27
CA GLU A 129 -0.89 -13.91 -27.08
C GLU A 129 0.01 -14.86 -26.32
N LEU A 130 0.11 -14.69 -25.00
CA LEU A 130 0.98 -15.51 -24.18
C LEU A 130 0.38 -16.91 -23.98
N ALA A 131 -0.95 -16.99 -23.80
CA ALA A 131 -1.63 -18.28 -23.73
C ALA A 131 -1.54 -19.01 -25.08
N ALA A 132 -1.69 -18.26 -26.19
CA ALA A 132 -1.59 -18.84 -27.52
C ALA A 132 -0.20 -19.45 -27.76
N LYS A 133 0.87 -18.82 -27.25
CA LYS A 133 2.21 -19.38 -27.38
C LYS A 133 2.34 -20.63 -26.50
N GLU A 134 1.68 -20.62 -25.32
CA GLU A 134 1.79 -21.74 -24.39
C GLU A 134 1.05 -22.96 -24.95
N LYS A 135 0.01 -22.69 -25.78
CA LYS A 135 -0.75 -23.72 -26.47
C LYS A 135 0.14 -24.53 -27.42
N ALA A 136 1.13 -23.86 -28.03
CA ALA A 136 2.04 -24.48 -28.97
C ALA A 136 3.45 -24.62 -28.37
N GLN A 161 -13.35 -19.35 -18.12
CA GLN A 161 -12.29 -19.95 -17.26
C GLN A 161 -10.96 -19.26 -17.56
N ASP A 162 -10.48 -19.46 -18.80
CA ASP A 162 -9.23 -18.91 -19.26
C ASP A 162 -9.38 -17.40 -19.45
N GLU A 163 -10.47 -16.95 -20.10
CA GLU A 163 -10.71 -15.53 -20.36
C GLU A 163 -11.19 -14.83 -19.08
N VAL A 164 -11.72 -15.58 -18.09
CA VAL A 164 -12.16 -15.03 -16.82
C VAL A 164 -10.93 -14.60 -16.01
N ASP A 165 -10.10 -15.60 -15.67
CA ASP A 165 -8.80 -15.40 -15.06
C ASP A 165 -8.08 -14.23 -15.71
N ILE A 166 -8.04 -14.21 -17.04
CA ILE A 166 -7.22 -13.24 -17.74
C ILE A 166 -7.72 -11.83 -17.43
N LYS A 167 -9.04 -11.62 -17.54
CA LYS A 167 -9.62 -10.30 -17.37
C LYS A 167 -9.44 -9.83 -15.92
N SER A 168 -9.49 -10.77 -14.96
CA SER A 168 -9.32 -10.46 -13.55
C SER A 168 -7.86 -10.08 -13.25
N ARG A 169 -6.92 -10.75 -13.92
CA ARG A 169 -5.51 -10.47 -13.77
C ARG A 169 -5.07 -9.19 -14.48
N ALA A 170 -5.95 -8.54 -15.24
CA ALA A 170 -5.62 -7.24 -15.84
C ALA A 170 -6.49 -6.11 -15.31
N ALA A 171 -7.32 -6.36 -14.29
CA ALA A 171 -8.33 -5.37 -13.90
C ALA A 171 -7.69 -4.40 -12.91
N TYR A 172 -6.75 -3.60 -13.42
CA TYR A 172 -6.06 -2.71 -12.52
C TYR A 172 -7.11 -1.91 -11.75
N ASN A 173 -6.85 -1.64 -10.45
CA ASN A 173 -7.75 -0.86 -9.59
C ASN A 173 -7.05 0.38 -9.03
N VAL A 174 -5.73 0.46 -9.21
CA VAL A 174 -4.95 1.54 -8.68
C VAL A 174 -3.74 1.71 -9.59
N THR A 175 -3.12 2.88 -9.47
CA THR A 175 -1.79 3.12 -9.95
C THR A 175 -1.02 3.84 -8.85
N LEU A 176 0.21 3.39 -8.63
CA LEU A 176 1.12 4.04 -7.73
C LEU A 176 2.08 4.81 -8.61
N LEU A 177 1.94 6.15 -8.60
CA LEU A 177 2.84 7.05 -9.30
C LEU A 177 4.11 7.25 -8.48
N ASN A 178 5.22 7.51 -9.17
CA ASN A 178 6.56 7.60 -8.59
C ASN A 178 7.35 8.74 -9.20
N PHE A 179 8.18 9.40 -8.39
CA PHE A 179 9.13 10.39 -8.85
C PHE A 179 10.43 10.32 -8.07
N MET A 180 11.54 10.51 -8.77
CA MET A 180 12.84 10.72 -8.16
C MET A 180 13.61 11.67 -9.05
N ASP A 181 14.24 12.70 -8.45
CA ASP A 181 15.27 13.51 -9.09
C ASP A 181 16.63 13.04 -8.58
N PRO A 182 17.42 12.30 -9.37
CA PRO A 182 18.64 11.67 -8.84
C PRO A 182 19.73 12.68 -8.49
N GLN A 183 19.73 13.86 -9.13
CA GLN A 183 20.76 14.87 -8.88
C GLN A 183 20.56 15.54 -7.50
N LYS A 184 19.39 15.33 -6.85
CA LYS A 184 19.13 15.77 -5.48
C LYS A 184 19.50 14.70 -4.46
N MET A 185 20.02 13.54 -4.89
CA MET A 185 20.42 12.51 -3.94
C MET A 185 21.95 12.58 -3.81
N PRO A 186 22.53 12.57 -2.58
CA PRO A 186 23.98 12.74 -2.43
C PRO A 186 24.81 11.55 -2.95
N TYR A 187 24.25 10.36 -2.77
CA TYR A 187 24.93 9.11 -3.09
C TYR A 187 23.86 8.05 -3.34
N LEU A 188 23.93 7.38 -4.49
CA LEU A 188 22.94 6.35 -4.74
C LEU A 188 23.57 4.98 -4.52
N LYS A 189 22.72 4.03 -4.15
CA LYS A 189 23.15 2.67 -3.88
C LYS A 189 23.69 2.10 -5.19
N GLU A 190 24.82 1.41 -5.11
CA GLU A 190 25.29 0.58 -6.20
C GLU A 190 24.46 -0.73 -6.26
N GLU A 191 24.13 -1.18 -7.47
CA GLU A 191 23.49 -2.46 -7.67
C GLU A 191 24.50 -3.53 -7.27
N PRO A 192 24.18 -4.39 -6.29
CA PRO A 192 25.22 -5.24 -5.72
C PRO A 192 25.63 -6.47 -6.48
N TYR A 193 24.89 -6.94 -7.50
CA TYR A 193 25.10 -8.32 -7.91
C TYR A 193 25.71 -8.43 -9.30
N PHE A 194 25.38 -7.48 -10.18
CA PHE A 194 25.54 -7.67 -11.63
C PHE A 194 26.23 -6.46 -12.27
N GLY A 195 26.64 -5.52 -11.44
CA GLY A 195 27.37 -4.36 -11.89
C GLY A 195 26.48 -3.39 -12.65
N MET A 196 25.21 -3.28 -12.23
CA MET A 196 24.22 -2.53 -13.00
C MET A 196 24.32 -1.04 -12.69
N GLY A 197 25.23 -0.67 -11.78
CA GLY A 197 25.41 0.73 -11.47
C GLY A 197 24.38 1.23 -10.46
N LYS A 198 24.00 2.50 -10.61
CA LYS A 198 23.23 3.20 -9.62
C LYS A 198 21.77 2.76 -9.64
N MET A 199 21.19 2.65 -8.45
CA MET A 199 19.83 2.19 -8.23
C MET A 199 19.01 3.31 -7.67
N ALA A 200 17.81 3.49 -8.21
CA ALA A 200 16.82 4.35 -7.60
C ALA A 200 16.03 3.58 -6.55
N VAL A 201 15.60 2.35 -6.90
CA VAL A 201 14.86 1.44 -6.03
C VAL A 201 15.55 0.09 -6.08
N SER A 202 15.92 -0.50 -4.92
CA SER A 202 16.60 -1.77 -4.96
C SER A 202 15.65 -2.93 -5.31
N TRP A 203 16.24 -4.12 -5.40
CA TRP A 203 15.59 -5.36 -5.77
C TRP A 203 14.44 -5.69 -4.84
N HIS A 204 13.27 -5.96 -5.43
CA HIS A 204 12.13 -6.40 -4.66
C HIS A 204 11.07 -7.02 -5.56
N HIS A 205 9.98 -7.53 -4.95
CA HIS A 205 8.72 -7.82 -5.66
C HIS A 205 7.66 -6.81 -5.25
N ASP A 206 6.73 -6.51 -6.15
CA ASP A 206 5.53 -5.82 -5.73
C ASP A 206 4.62 -6.74 -4.92
N GLU A 207 4.37 -6.37 -3.65
CA GLU A 207 3.49 -6.99 -2.66
C GLU A 207 2.00 -6.67 -2.86
N ASN A 208 1.15 -7.44 -2.16
CA ASN A 208 -0.26 -7.18 -1.96
C ASN A 208 -0.99 -7.10 -3.31
N LEU A 209 -0.56 -7.92 -4.26
CA LEU A 209 -1.22 -7.97 -5.56
C LEU A 209 -2.03 -9.25 -5.60
N VAL A 210 -3.08 -9.27 -6.44
CA VAL A 210 -3.76 -10.53 -6.69
C VAL A 210 -2.74 -11.52 -7.29
N ASP A 211 -2.90 -12.79 -6.93
CA ASP A 211 -2.07 -13.87 -7.41
C ASP A 211 -2.04 -13.85 -8.93
N ARG A 212 -0.83 -13.87 -9.48
CA ARG A 212 -0.63 -13.99 -10.91
C ARG A 212 -1.18 -12.80 -11.66
N SER A 213 -1.43 -11.69 -10.96
CA SER A 213 -1.90 -10.48 -11.61
C SER A 213 -0.72 -9.75 -12.25
N ALA A 214 -1.04 -9.04 -13.32
CA ALA A 214 -0.09 -8.34 -14.13
C ALA A 214 0.21 -6.98 -13.52
N VAL A 215 1.35 -6.41 -13.92
CA VAL A 215 1.66 -5.04 -13.59
C VAL A 215 2.04 -4.35 -14.88
N ALA A 216 1.52 -3.14 -15.08
CA ALA A 216 1.83 -2.36 -16.26
C ALA A 216 2.47 -1.03 -15.86
N VAL A 217 3.60 -0.67 -16.47
CA VAL A 217 4.27 0.53 -16.02
C VAL A 217 4.44 1.49 -17.18
N TYR A 218 4.09 2.76 -16.94
CA TYR A 218 4.36 3.82 -17.88
C TYR A 218 5.55 4.60 -17.35
N SER A 219 6.63 4.68 -18.13
CA SER A 219 7.86 5.30 -17.67
C SER A 219 8.07 6.62 -18.39
N TYR A 220 8.28 7.71 -17.62
CA TYR A 220 8.40 9.05 -18.17
C TYR A 220 9.71 9.66 -17.69
N SER A 221 10.77 9.41 -18.47
CA SER A 221 12.02 10.11 -18.30
C SER A 221 11.84 11.55 -18.77
N CYS A 222 12.25 12.49 -17.91
CA CYS A 222 12.25 13.90 -18.27
C CYS A 222 13.43 14.14 -19.22
N GLU A 223 14.45 13.26 -19.14
CA GLU A 223 15.47 13.08 -20.16
C GLU A 223 14.82 13.00 -21.55
N LEU A 235 31.54 1.91 -24.06
CA LEU A 235 30.25 1.53 -23.43
C LEU A 235 30.38 0.11 -22.86
N GLU A 236 30.85 0.05 -21.62
CA GLU A 236 30.95 -1.25 -20.93
C GLU A 236 29.76 -1.33 -19.98
N GLY A 237 28.68 -1.99 -20.41
CA GLY A 237 27.51 -2.14 -19.53
C GLY A 237 26.41 -1.17 -19.87
N ARG A 238 25.54 -0.89 -18.91
CA ARG A 238 24.37 -0.02 -19.16
C ARG A 238 24.78 1.45 -19.19
N ASP A 239 24.11 2.24 -20.03
CA ASP A 239 24.37 3.69 -20.05
C ASP A 239 23.92 4.24 -18.70
N PRO A 240 24.84 4.79 -17.88
CA PRO A 240 24.47 5.38 -16.59
C PRO A 240 23.52 6.58 -16.67
N ASP A 241 23.46 7.26 -17.80
CA ASP A 241 22.58 8.41 -17.90
C ASP A 241 21.13 8.02 -18.19
N ILE A 242 20.88 6.77 -18.60
CA ILE A 242 19.54 6.35 -18.99
C ILE A 242 18.91 5.49 -17.90
N TRP A 243 17.63 5.74 -17.65
CA TRP A 243 16.89 4.90 -16.71
C TRP A 243 16.62 3.52 -17.30
N HIS A 244 16.61 2.54 -16.41
CA HIS A 244 16.39 1.16 -16.77
C HIS A 244 15.56 0.49 -15.70
N VAL A 245 14.84 -0.56 -16.09
CA VAL A 245 14.28 -1.49 -15.13
C VAL A 245 15.15 -2.71 -15.24
N GLY A 246 15.59 -3.24 -14.08
CA GLY A 246 16.36 -4.47 -14.05
C GLY A 246 15.52 -5.65 -13.55
N PHE A 247 15.91 -6.87 -13.94
CA PHE A 247 15.24 -8.07 -13.51
C PHE A 247 16.29 -9.11 -13.22
N LYS A 248 16.00 -9.94 -12.23
CA LYS A 248 16.78 -11.12 -11.94
C LYS A 248 15.78 -12.18 -11.49
N ILE A 249 16.18 -13.45 -11.53
CA ILE A 249 15.42 -14.53 -10.94
C ILE A 249 15.61 -14.49 -9.42
N SER A 250 14.55 -14.72 -8.66
CA SER A 250 14.65 -14.79 -7.22
C SER A 250 15.74 -15.79 -6.87
N TRP A 251 16.56 -15.43 -5.89
CA TRP A 251 17.49 -16.33 -5.23
C TRP A 251 18.77 -16.47 -6.04
N ASP A 252 18.80 -15.91 -7.26
CA ASP A 252 19.81 -16.28 -8.23
C ASP A 252 20.58 -15.04 -8.66
N ILE A 253 21.90 -15.05 -8.37
CA ILE A 253 22.75 -13.98 -8.87
C ILE A 253 23.84 -14.52 -9.80
N GLU A 254 23.69 -15.76 -10.29
CA GLU A 254 24.61 -16.34 -11.26
C GLU A 254 24.11 -16.12 -12.67
N THR A 255 22.84 -16.46 -12.91
CA THR A 255 22.21 -16.03 -14.15
C THR A 255 22.30 -14.52 -14.27
N PRO A 256 22.97 -13.98 -15.31
CA PRO A 256 23.08 -12.54 -15.43
C PRO A 256 21.70 -11.90 -15.54
N GLY A 257 21.57 -10.73 -14.93
CA GLY A 257 20.33 -10.01 -14.89
C GLY A 257 20.20 -9.19 -16.14
N LEU A 258 18.97 -8.73 -16.38
CA LEU A 258 18.56 -8.00 -17.55
C LEU A 258 18.32 -6.56 -17.10
N ALA A 259 18.85 -5.62 -17.87
CA ALA A 259 18.59 -4.22 -17.66
C ALA A 259 17.97 -3.68 -18.93
N ILE A 260 16.72 -3.25 -18.79
CA ILE A 260 15.95 -2.81 -19.91
C ILE A 260 15.96 -1.29 -19.89
N PRO A 261 16.56 -0.65 -20.91
CA PRO A 261 16.47 0.79 -21.11
C PRO A 261 15.03 1.28 -21.21
N LEU A 262 14.80 2.45 -20.63
CA LEU A 262 13.48 3.06 -20.63
C LEU A 262 13.63 4.51 -21.05
N HIS A 263 13.09 4.80 -22.23
CA HIS A 263 13.11 6.14 -22.76
C HIS A 263 11.72 6.66 -22.47
N GLN A 264 11.55 7.95 -22.71
CA GLN A 264 10.32 8.67 -22.48
C GLN A 264 9.14 7.94 -23.11
N GLY A 265 8.18 7.56 -22.27
CA GLY A 265 6.88 7.05 -22.71
C GLY A 265 6.90 5.56 -23.02
N ASP A 266 7.98 4.86 -22.66
CA ASP A 266 8.03 3.43 -22.84
C ASP A 266 7.19 2.79 -21.72
N CYS A 267 6.55 1.67 -22.05
CA CYS A 267 5.79 0.86 -21.11
C CYS A 267 6.39 -0.53 -21.02
N TYR A 268 6.47 -1.09 -19.79
CA TYR A 268 6.68 -2.51 -19.58
C TYR A 268 5.52 -3.14 -18.79
N PHE A 269 5.41 -4.46 -18.93
CA PHE A 269 4.35 -5.28 -18.43
C PHE A 269 4.98 -6.50 -17.78
N MET A 270 4.68 -6.73 -16.48
CA MET A 270 4.99 -7.99 -15.86
C MET A 270 3.74 -8.86 -15.85
N LEU A 271 3.80 -9.97 -16.58
CA LEU A 271 2.65 -10.81 -16.83
C LEU A 271 2.71 -12.03 -15.93
N ASP A 272 1.54 -12.44 -15.44
CA ASP A 272 1.40 -13.76 -14.84
C ASP A 272 2.26 -13.83 -13.58
N ASP A 273 3.07 -14.88 -13.49
CA ASP A 273 3.83 -15.11 -12.27
C ASP A 273 5.23 -14.46 -12.33
N LEU A 274 5.48 -13.50 -13.25
CA LEU A 274 6.81 -12.91 -13.32
C LEU A 274 7.18 -12.13 -12.06
N ASN A 275 6.26 -11.29 -11.57
CA ASN A 275 6.45 -10.52 -10.35
C ASN A 275 6.78 -11.41 -9.14
N ALA A 276 6.38 -12.68 -9.17
CA ALA A 276 6.57 -13.53 -8.01
C ALA A 276 7.87 -14.31 -8.14
N THR A 277 8.22 -14.64 -9.37
CA THR A 277 9.38 -15.51 -9.61
C THR A 277 10.62 -14.69 -9.95
N HIS A 278 10.44 -13.41 -10.29
CA HIS A 278 11.60 -12.55 -10.52
C HIS A 278 11.54 -11.36 -9.59
N GLN A 279 12.72 -10.78 -9.31
CA GLN A 279 12.83 -9.49 -8.64
C GLN A 279 13.05 -8.41 -9.67
N HIS A 280 12.62 -7.20 -9.39
CA HIS A 280 13.03 -6.08 -10.20
C HIS A 280 13.58 -4.95 -9.31
N CYS A 281 14.29 -4.05 -10.00
CA CYS A 281 14.89 -2.87 -9.38
C CYS A 281 14.72 -1.76 -10.40
N VAL A 282 15.04 -0.52 -10.00
CA VAL A 282 15.04 0.61 -10.92
C VAL A 282 16.42 1.25 -10.91
N LEU A 283 17.01 1.32 -12.10
CA LEU A 283 18.32 1.91 -12.24
C LEU A 283 18.11 3.36 -12.65
N ALA A 284 18.70 4.27 -11.89
CA ALA A 284 18.60 5.68 -12.20
C ALA A 284 19.49 6.02 -13.39
N GLY A 285 19.03 7.01 -14.14
CA GLY A 285 19.87 7.77 -15.04
C GLY A 285 20.13 9.18 -14.48
N SER A 286 20.32 10.11 -15.42
CA SER A 286 20.79 11.47 -15.20
C SER A 286 19.65 12.37 -14.79
N GLN A 287 18.55 12.29 -15.52
CA GLN A 287 17.49 13.28 -15.38
C GLN A 287 16.47 12.77 -14.35
N PRO A 288 15.52 13.62 -13.89
CA PRO A 288 14.37 13.16 -13.13
C PRO A 288 13.52 12.26 -14.02
N ARG A 289 12.70 11.42 -13.37
CA ARG A 289 11.88 10.44 -14.04
C ARG A 289 10.64 10.14 -13.18
N PHE A 290 9.47 10.09 -13.84
CA PHE A 290 8.21 9.70 -13.25
C PHE A 290 7.86 8.26 -13.67
N SER A 291 6.94 7.62 -12.94
CA SER A 291 6.31 6.43 -13.46
C SER A 291 4.93 6.24 -12.85
N SER A 292 4.07 5.57 -13.64
CA SER A 292 2.73 5.13 -13.26
C SER A 292 2.73 3.60 -13.26
N THR A 293 2.58 3.01 -12.06
CA THR A 293 2.58 1.54 -11.88
C THR A 293 1.16 1.04 -11.59
N HIS A 294 0.49 0.49 -12.59
CA HIS A 294 -0.88 0.00 -12.52
C HIS A 294 -0.89 -1.45 -12.06
N ARG A 295 -1.71 -1.71 -11.03
CA ARG A 295 -1.70 -2.93 -10.24
C ARG A 295 -3.12 -3.38 -9.95
N VAL A 296 -3.28 -4.70 -9.81
CA VAL A 296 -4.48 -5.27 -9.25
C VAL A 296 -4.22 -5.58 -7.78
N ALA A 297 -4.45 -4.55 -6.96
CA ALA A 297 -4.33 -4.62 -5.51
C ALA A 297 -5.30 -5.69 -5.02
N GLU A 298 -4.76 -6.53 -4.15
CA GLU A 298 -5.55 -7.49 -3.44
C GLU A 298 -6.20 -6.75 -2.27
N CYS A 299 -7.43 -6.31 -2.47
CA CYS A 299 -8.09 -5.44 -1.49
C CYS A 299 -9.30 -6.11 -0.85
N SER A 300 -9.25 -7.44 -0.65
CA SER A 300 -10.32 -8.17 0.02
C SER A 300 -10.58 -7.68 1.46
N THR A 301 -9.55 -7.21 2.17
CA THR A 301 -9.66 -6.63 3.50
C THR A 301 -9.11 -5.21 3.44
N GLY A 302 -9.31 -4.57 2.29
CA GLY A 302 -8.64 -3.33 2.05
C GLY A 302 -9.48 -2.30 1.32
N THR A 303 -10.80 -2.43 1.41
CA THR A 303 -11.67 -1.32 1.02
C THR A 303 -12.49 -0.78 2.20
N LEU A 304 -12.86 0.51 2.08
CA LEU A 304 -13.77 1.22 2.96
C LEU A 304 -15.03 0.40 3.21
N ASP A 305 -15.69 -0.04 2.14
CA ASP A 305 -16.88 -0.84 2.27
C ASP A 305 -16.58 -2.06 3.14
N TYR A 306 -15.43 -2.71 2.90
CA TYR A 306 -15.11 -3.89 3.67
C TYR A 306 -15.04 -3.54 5.15
N ILE A 307 -14.31 -2.48 5.50
CA ILE A 307 -14.08 -2.22 6.92
C ILE A 307 -15.35 -1.66 7.57
N LEU A 308 -16.15 -0.81 6.88
CA LEU A 308 -17.47 -0.40 7.38
C LEU A 308 -18.31 -1.62 7.72
N GLN A 309 -18.30 -2.62 6.86
CA GLN A 309 -19.12 -3.78 7.13
C GLN A 309 -18.55 -4.53 8.32
N ARG A 310 -17.23 -4.45 8.54
CA ARG A 310 -16.65 -5.11 9.72
C ARG A 310 -17.12 -4.42 10.98
N CYS A 311 -17.20 -3.10 10.93
CA CYS A 311 -17.60 -2.33 12.08
C CYS A 311 -19.04 -2.66 12.45
N GLN A 312 -19.92 -2.71 11.44
CA GLN A 312 -21.35 -2.98 11.64
C GLN A 312 -21.49 -4.38 12.21
N LEU A 313 -20.65 -5.32 11.81
CA LEU A 313 -20.70 -6.65 12.38
C LEU A 313 -20.43 -6.60 13.89
N ALA A 314 -19.43 -5.82 14.28
CA ALA A 314 -19.01 -5.72 15.68
C ALA A 314 -20.12 -5.10 16.54
N LEU A 315 -20.74 -4.05 16.00
CA LEU A 315 -21.77 -3.29 16.68
C LEU A 315 -23.13 -3.98 16.71
N GLN A 316 -23.30 -5.08 15.96
CA GLN A 316 -24.43 -5.99 16.13
C GLN A 316 -24.53 -6.51 17.56
N ASN A 317 -23.42 -6.57 18.30
CA ASN A 317 -23.51 -7.01 19.68
C ASN A 317 -23.84 -5.86 20.65
N VAL A 318 -24.13 -4.67 20.13
CA VAL A 318 -24.38 -3.51 20.98
C VAL A 318 -25.86 -3.10 20.84
N CYS A 319 -26.52 -2.80 21.99
CA CYS A 319 -27.88 -2.28 21.98
C CYS A 319 -27.80 -0.86 21.45
N ASP A 320 -28.46 -0.64 20.31
CA ASP A 320 -28.16 0.52 19.47
C ASP A 320 -29.36 1.47 19.40
N ASP A 321 -30.21 1.46 20.43
CA ASP A 321 -31.25 2.46 20.57
C ASP A 321 -30.70 3.86 20.38
N VAL A 322 -29.60 4.18 21.07
CA VAL A 322 -29.10 5.55 21.15
C VAL A 322 -27.57 5.52 21.32
N ASP A 323 -26.90 6.57 20.83
CA ASP A 323 -25.45 6.72 21.00
C ASP A 323 -25.14 7.49 22.29
N ASN A 324 -24.94 6.75 23.38
CA ASN A 324 -24.47 7.37 24.59
C ASN A 324 -23.36 6.51 25.21
N ASP A 325 -22.83 6.99 26.35
CA ASP A 325 -21.72 6.38 27.04
C ASP A 325 -22.15 5.12 27.83
N ASP A 326 -23.45 4.81 27.87
CA ASP A 326 -23.96 3.62 28.55
C ASP A 326 -24.08 2.49 27.52
N VAL A 327 -22.96 1.80 27.24
CA VAL A 327 -22.93 0.75 26.26
C VAL A 327 -23.31 -0.58 26.91
N SER A 328 -24.31 -1.22 26.33
CA SER A 328 -24.79 -2.48 26.83
C SER A 328 -24.73 -3.45 25.65
N LEU A 329 -24.29 -4.67 25.93
CA LEU A 329 -24.00 -5.62 24.87
C LEU A 329 -25.07 -6.69 24.92
N LYS A 330 -25.39 -7.32 23.78
CA LYS A 330 -26.44 -8.32 23.73
C LYS A 330 -25.93 -9.68 24.22
N SER A 331 -24.64 -10.00 23.97
CA SER A 331 -24.08 -11.30 24.34
C SER A 331 -22.67 -11.14 24.86
N PHE A 332 -22.28 -12.14 25.65
CA PHE A 332 -20.96 -12.26 26.23
C PHE A 332 -20.32 -13.60 25.88
N GLU A 333 -20.91 -14.32 24.91
CA GLU A 333 -20.32 -15.54 24.37
C GLU A 333 -18.90 -15.23 23.90
N PRO A 334 -17.88 -16.02 24.28
CA PRO A 334 -16.49 -15.71 23.94
C PRO A 334 -16.28 -15.38 22.46
N ALA A 335 -16.92 -16.14 21.57
CA ALA A 335 -16.62 -15.97 20.16
C ALA A 335 -17.05 -14.60 19.63
N VAL A 336 -18.19 -14.05 20.10
CA VAL A 336 -18.59 -12.74 19.57
C VAL A 336 -17.75 -11.64 20.23
N LEU A 337 -17.27 -11.83 21.49
CA LEU A 337 -16.38 -10.85 22.11
C LEU A 337 -14.97 -10.84 21.47
N LYS A 338 -14.40 -12.01 21.22
CA LYS A 338 -13.17 -12.15 20.45
C LYS A 338 -13.29 -11.34 19.16
N GLN A 339 -14.33 -11.67 18.38
CA GLN A 339 -14.59 -11.06 17.09
C GLN A 339 -14.67 -9.55 17.23
N GLY A 340 -15.39 -9.08 18.26
CA GLY A 340 -15.53 -7.64 18.48
C GLY A 340 -14.18 -6.95 18.71
N GLU A 341 -13.35 -7.51 19.61
CA GLU A 341 -12.07 -6.92 19.97
C GLU A 341 -11.07 -7.01 18.80
N GLU A 342 -11.19 -8.02 17.93
CA GLU A 342 -10.39 -8.11 16.71
C GLU A 342 -10.74 -7.01 15.71
N ILE A 343 -12.05 -6.74 15.56
CA ILE A 343 -12.51 -5.74 14.61
C ILE A 343 -12.04 -4.36 15.05
N HIS A 344 -12.17 -4.08 16.34
CA HIS A 344 -11.68 -2.91 17.04
C HIS A 344 -10.22 -2.64 16.71
N ASN A 345 -9.40 -3.68 16.72
CA ASN A 345 -7.99 -3.59 16.40
C ASN A 345 -7.82 -3.22 14.93
N GLU A 346 -8.63 -3.89 14.12
CA GLU A 346 -8.54 -3.72 12.68
C GLU A 346 -8.85 -2.28 12.28
N VAL A 347 -9.98 -1.72 12.74
CA VAL A 347 -10.35 -0.35 12.39
C VAL A 347 -9.33 0.63 12.96
N GLU A 348 -8.80 0.31 14.15
CA GLU A 348 -7.90 1.22 14.84
C GLU A 348 -6.56 1.32 14.12
N PHE A 349 -5.97 0.16 13.76
CA PHE A 349 -4.58 0.14 13.35
C PHE A 349 -4.42 0.05 11.83
N GLU A 350 -5.30 -0.70 11.16
CA GLU A 350 -5.17 -0.89 9.73
C GLU A 350 -5.72 0.33 9.03
N TRP A 351 -6.55 1.10 9.72
CA TRP A 351 -7.25 2.20 9.10
C TRP A 351 -6.90 3.51 9.80
N LEU A 352 -7.36 3.74 11.04
CA LEU A 352 -7.24 5.04 11.67
C LEU A 352 -5.78 5.48 11.78
N ARG A 353 -4.96 4.67 12.43
CA ARG A 353 -3.58 5.08 12.67
C ARG A 353 -2.76 5.10 11.37
N GLN A 354 -3.08 4.20 10.43
CA GLN A 354 -2.41 4.26 9.14
C GLN A 354 -2.73 5.60 8.52
N PHE A 355 -4.00 5.99 8.60
CA PHE A 355 -4.44 7.19 7.90
C PHE A 355 -3.80 8.43 8.51
N TRP A 356 -3.88 8.56 9.83
CA TRP A 356 -3.41 9.75 10.52
C TRP A 356 -1.89 9.75 10.58
N PHE A 357 -1.25 8.60 10.52
CA PHE A 357 0.20 8.57 10.42
C PHE A 357 0.71 9.32 9.17
N GLN A 358 -0.14 9.44 8.15
CA GLN A 358 0.17 10.19 6.93
C GLN A 358 -0.24 11.67 7.05
N GLY A 359 -0.47 12.18 8.27
CA GLY A 359 -0.73 13.59 8.55
C GLY A 359 -1.64 14.26 7.52
N ASN A 360 -2.76 13.59 7.19
CA ASN A 360 -3.70 14.00 6.14
C ASN A 360 -2.93 14.62 4.97
N ARG A 361 -1.96 13.88 4.42
CA ARG A 361 -1.28 14.29 3.20
C ARG A 361 -2.29 14.33 2.05
N TYR A 362 -3.17 13.32 2.04
CA TYR A 362 -4.24 13.15 1.07
C TYR A 362 -5.11 14.42 0.95
N ARG A 363 -5.16 15.22 2.03
CA ARG A 363 -6.08 16.34 2.14
C ARG A 363 -5.71 17.44 1.14
N LYS A 364 -4.42 17.57 0.79
CA LYS A 364 -3.95 18.49 -0.24
C LYS A 364 -4.62 18.14 -1.58
N CYS A 365 -4.84 16.85 -1.85
CA CYS A 365 -5.29 16.37 -3.15
C CYS A 365 -6.80 16.19 -3.17
N THR A 366 -7.34 15.61 -2.09
CA THR A 366 -8.75 15.22 -2.08
C THR A 366 -9.29 15.32 -0.64
N ASP A 367 -10.61 15.36 -0.56
CA ASP A 367 -11.34 15.42 0.71
C ASP A 367 -12.08 14.09 0.91
N TRP A 368 -11.94 13.15 -0.05
CA TRP A 368 -12.80 11.96 -0.16
C TRP A 368 -12.91 11.12 1.13
N TRP A 369 -11.77 11.04 1.87
CA TRP A 369 -11.56 10.16 3.03
C TRP A 369 -11.89 10.85 4.37
N CYS A 370 -12.25 12.14 4.34
CA CYS A 370 -12.38 12.95 5.55
C CYS A 370 -13.57 12.45 6.39
N GLN A 371 -14.71 12.30 5.71
CA GLN A 371 -15.93 11.86 6.36
C GLN A 371 -15.78 10.37 6.72
N PRO A 372 -15.40 9.49 5.78
CA PRO A 372 -15.24 8.07 6.12
C PRO A 372 -14.31 7.86 7.32
N MET A 373 -13.23 8.63 7.42
CA MET A 373 -12.31 8.52 8.54
C MET A 373 -12.87 9.15 9.81
N ALA A 374 -13.84 10.06 9.64
CA ALA A 374 -14.62 10.54 10.78
C ALA A 374 -15.65 9.49 11.21
N GLN A 375 -16.24 8.76 10.25
CA GLN A 375 -17.24 7.76 10.63
C GLN A 375 -16.56 6.54 11.28
N LEU A 376 -15.40 6.14 10.76
CA LEU A 376 -14.70 5.00 11.31
C LEU A 376 -14.25 5.34 12.72
N GLU A 377 -13.88 6.59 12.95
CA GLU A 377 -13.43 7.00 14.27
C GLU A 377 -14.56 6.96 15.29
N ALA A 378 -15.75 7.43 14.91
CA ALA A 378 -16.94 7.32 15.74
C ALA A 378 -17.30 5.85 15.96
N LEU A 379 -17.08 5.02 14.93
CA LEU A 379 -17.42 3.61 15.08
C LEU A 379 -16.43 3.01 16.07
N TRP A 380 -15.15 3.34 15.92
CA TRP A 380 -14.14 2.85 16.86
C TRP A 380 -14.37 3.35 18.30
N LYS A 381 -14.78 4.61 18.49
CA LYS A 381 -15.15 5.16 19.80
C LYS A 381 -16.19 4.30 20.52
N LYS A 382 -17.27 3.92 19.82
CA LYS A 382 -18.29 3.04 20.35
C LYS A 382 -17.67 1.74 20.83
N MET A 383 -16.67 1.28 20.08
CA MET A 383 -15.99 0.02 20.35
C MET A 383 -15.13 0.12 21.62
N GLU A 384 -14.51 1.28 21.86
CA GLU A 384 -13.86 1.55 23.13
C GLU A 384 -14.93 1.38 24.21
N GLY A 385 -16.11 1.95 23.98
CA GLY A 385 -17.28 1.68 24.83
C GLY A 385 -17.56 0.18 24.99
N VAL A 386 -17.46 -0.60 23.92
CA VAL A 386 -17.69 -2.04 24.03
C VAL A 386 -16.64 -2.67 24.94
N THR A 387 -15.39 -2.25 24.78
CA THR A 387 -14.33 -2.94 25.49
C THR A 387 -14.51 -2.64 26.99
N ASN A 388 -14.89 -1.41 27.29
CA ASN A 388 -15.21 -1.04 28.66
C ASN A 388 -16.33 -1.90 29.24
N ALA A 389 -17.42 -2.09 28.48
CA ALA A 389 -18.50 -2.92 28.95
C ALA A 389 -18.03 -4.35 29.18
N VAL A 390 -17.12 -4.88 28.36
CA VAL A 390 -16.66 -6.24 28.60
C VAL A 390 -15.85 -6.26 29.89
N LEU A 391 -15.04 -5.23 30.15
CA LEU A 391 -14.23 -5.19 31.36
C LEU A 391 -15.12 -5.07 32.59
N HIS A 392 -16.22 -4.34 32.47
CA HIS A 392 -17.17 -4.18 33.55
C HIS A 392 -17.76 -5.55 33.87
N GLU A 393 -18.19 -6.27 32.83
CA GLU A 393 -18.76 -7.60 33.02
C GLU A 393 -17.80 -8.59 33.71
N VAL A 394 -16.49 -8.54 33.45
CA VAL A 394 -15.58 -9.53 34.03
C VAL A 394 -15.34 -9.24 35.51
N LYS A 395 -15.36 -7.93 35.86
CA LYS A 395 -15.03 -7.40 37.18
C LYS A 395 -16.35 -7.16 37.93
N ARG A 396 -17.21 -8.19 38.00
CA ARG A 396 -18.58 -8.08 38.50
C ARG A 396 -18.81 -9.16 39.58
CA LEU A 399 -19.89 -13.63 37.41
C LEU A 399 -19.17 -14.89 37.88
N PRO A 400 -19.69 -16.11 37.57
CA PRO A 400 -18.98 -17.37 37.87
C PRO A 400 -17.68 -17.55 37.09
N VAL A 401 -16.62 -17.88 37.82
CA VAL A 401 -15.25 -17.75 37.35
C VAL A 401 -15.08 -18.45 35.99
N GLU A 402 -15.59 -19.69 35.85
CA GLU A 402 -15.42 -20.45 34.62
C GLU A 402 -15.93 -19.64 33.41
N GLN A 403 -17.07 -18.95 33.56
CA GLN A 403 -17.59 -18.06 32.53
C GLN A 403 -16.66 -16.84 32.38
N ARG A 404 -16.16 -16.34 33.52
CA ARG A 404 -15.27 -15.19 33.48
C ARG A 404 -13.99 -15.51 32.71
N ASN A 405 -13.48 -16.73 32.92
CA ASN A 405 -12.20 -17.15 32.35
C ASN A 405 -12.29 -17.48 30.86
N GLU A 406 -13.44 -17.99 30.38
CA GLU A 406 -13.66 -18.14 28.96
C GLU A 406 -13.59 -16.78 28.27
N ILE A 407 -14.02 -15.74 28.98
CA ILE A 407 -14.06 -14.40 28.43
C ILE A 407 -12.66 -13.84 28.32
N LEU A 408 -11.91 -13.89 29.43
CA LEU A 408 -10.51 -13.49 29.40
C LEU A 408 -9.78 -14.17 28.24
N THR A 409 -9.96 -15.50 28.13
CA THR A 409 -9.24 -16.30 27.14
C THR A 409 -9.58 -15.79 25.72
N ALA A 410 -10.81 -15.30 25.52
CA ALA A 410 -11.27 -14.90 24.21
C ALA A 410 -10.68 -13.56 23.78
N ILE A 411 -10.45 -12.67 24.75
CA ILE A 411 -10.13 -11.30 24.47
C ILE A 411 -8.66 -10.99 24.75
N LEU A 412 -7.91 -11.86 25.46
CA LEU A 412 -6.61 -11.40 25.97
C LEU A 412 -5.63 -11.15 24.82
N ALA A 413 -5.65 -12.01 23.79
CA ALA A 413 -4.76 -11.87 22.64
C ALA A 413 -4.99 -10.51 21.96
N SER A 414 -6.26 -10.11 21.75
CA SER A 414 -6.60 -8.84 21.11
C SER A 414 -6.16 -7.64 21.95
N LEU A 415 -6.34 -7.73 23.26
CA LEU A 415 -5.98 -6.62 24.12
C LEU A 415 -4.46 -6.49 24.16
N THR A 416 -3.69 -7.60 24.11
CA THR A 416 -2.23 -7.47 24.21
C THR A 416 -1.68 -6.94 22.89
N ALA A 417 -2.25 -7.40 21.78
CA ALA A 417 -1.89 -6.87 20.48
C ALA A 417 -2.18 -5.36 20.42
N ARG A 418 -3.27 -4.96 21.08
CA ARG A 418 -3.72 -3.59 21.03
C ARG A 418 -2.70 -2.72 21.71
N GLN A 419 -2.19 -3.21 22.85
CA GLN A 419 -1.17 -2.54 23.67
C GLN A 419 0.16 -2.48 22.90
N ASN A 420 0.59 -3.62 22.34
CA ASN A 420 1.86 -3.67 21.62
C ASN A 420 1.81 -2.72 20.43
N LEU A 421 0.68 -2.66 19.72
CA LEU A 421 0.63 -1.94 18.46
C LEU A 421 0.47 -0.46 18.72
N ARG A 422 -0.14 -0.14 19.85
CA ARG A 422 -0.23 1.26 20.25
C ARG A 422 1.15 1.82 20.59
N ARG A 423 1.99 1.03 21.26
CA ARG A 423 3.32 1.48 21.61
C ARG A 423 4.08 1.69 20.30
N GLU A 424 4.07 0.67 19.43
CA GLU A 424 4.83 0.70 18.18
C GLU A 424 4.38 1.88 17.31
N TRP A 425 3.10 2.24 17.29
CA TRP A 425 2.62 3.37 16.49
C TRP A 425 3.00 4.71 17.09
N HIS A 426 2.94 4.78 18.43
CA HIS A 426 3.26 6.00 19.14
C HIS A 426 4.72 6.35 18.83
N ALA A 427 5.60 5.36 19.05
CA ALA A 427 7.02 5.48 18.76
C ALA A 427 7.20 5.89 17.32
N ARG A 428 6.50 5.21 16.40
CA ARG A 428 6.74 5.40 14.97
C ARG A 428 6.35 6.83 14.59
N CYS A 429 5.47 7.42 15.40
CA CYS A 429 5.11 8.82 15.20
C CYS A 429 6.14 9.77 15.82
N GLN A 430 6.99 9.26 16.73
CA GLN A 430 8.01 10.08 17.41
C GLN A 430 9.40 10.03 16.73
N SER A 431 9.65 9.03 15.87
CA SER A 431 11.00 8.79 15.36
C SER A 431 11.66 10.10 14.95
N ARG A 432 13.00 10.13 15.12
CA ARG A 432 13.80 11.26 14.67
C ARG A 432 13.31 11.63 13.28
N ILE A 433 13.28 10.64 12.37
CA ILE A 433 13.07 10.93 10.96
C ILE A 433 11.67 11.51 10.76
N ALA A 434 10.68 10.98 11.50
CA ALA A 434 9.31 11.47 11.45
C ALA A 434 9.21 12.95 11.86
N ARG A 435 10.04 13.36 12.83
CA ARG A 435 9.94 14.69 13.41
C ARG A 435 10.56 15.73 12.46
N THR A 436 11.26 15.28 11.41
CA THR A 436 11.91 16.14 10.43
C THR A 436 10.99 16.50 9.25
N LEU A 437 9.88 15.79 9.11
CA LEU A 437 9.00 16.04 8.00
C LEU A 437 8.45 17.46 8.13
N PRO A 438 8.03 18.11 7.02
CA PRO A 438 7.27 19.36 7.12
C PRO A 438 5.94 19.16 7.83
N ALA A 439 5.40 20.26 8.37
CA ALA A 439 4.07 20.30 8.97
C ALA A 439 3.01 19.73 8.02
N ASP A 440 3.16 19.95 6.71
CA ASP A 440 2.26 19.40 5.71
C ASP A 440 2.08 17.88 5.89
N GLN A 441 3.10 17.19 6.42
CA GLN A 441 3.20 15.74 6.41
C GLN A 441 3.52 15.21 7.80
N LYS A 442 3.43 16.01 8.85
CA LYS A 442 3.84 15.52 10.16
C LYS A 442 2.95 14.32 10.51
N PRO A 443 3.49 13.13 10.85
CA PRO A 443 2.69 12.07 11.48
C PRO A 443 1.85 12.58 12.65
N GLU A 444 0.56 12.24 12.67
CA GLU A 444 -0.28 12.45 13.83
C GLU A 444 -0.58 11.08 14.47
N CYS A 445 -0.54 10.99 15.80
CA CYS A 445 -0.86 9.72 16.49
C CYS A 445 -2.35 9.64 16.85
N ARG A 446 -3.24 9.90 15.89
CA ARG A 446 -4.69 9.77 16.15
C ARG A 446 -5.08 8.29 16.03
N PRO A 447 -6.01 7.78 16.86
CA PRO A 447 -6.55 8.51 18.01
C PRO A 447 -5.66 8.49 19.27
N TYR A 448 -5.57 9.62 19.98
CA TYR A 448 -4.76 9.72 21.24
C TYR A 448 -5.46 10.63 22.25
N TRP A 449 -5.41 10.29 23.54
CA TRP A 449 -6.10 11.06 24.56
C TRP A 449 -5.27 10.96 25.84
N GLU A 450 -5.39 11.97 26.71
CA GLU A 450 -4.60 12.00 27.93
C GLU A 450 -5.31 11.19 28.99
N LYS A 451 -4.56 10.76 30.02
CA LYS A 451 -5.07 10.02 31.16
C LYS A 451 -6.19 10.81 31.87
N ASP A 452 -6.27 12.13 31.62
CA ASP A 452 -7.34 12.96 32.15
C ASP A 452 -8.65 12.71 31.39
N ASP A 453 -8.57 12.66 30.05
CA ASP A 453 -9.71 12.83 29.16
C ASP A 453 -10.85 11.87 29.54
N ALA A 454 -11.90 12.44 30.16
CA ALA A 454 -13.04 11.68 30.64
C ALA A 454 -14.15 11.59 29.60
N SER A 455 -13.93 12.18 28.41
CA SER A 455 -14.67 11.83 27.20
C SER A 455 -14.49 10.35 26.80
N MET A 456 -13.35 9.78 27.15
CA MET A 456 -12.95 8.44 26.75
C MET A 456 -13.02 7.55 27.98
N PRO A 457 -13.65 6.37 27.91
CA PRO A 457 -13.84 5.53 29.08
C PRO A 457 -12.67 4.61 29.47
N LEU A 458 -11.74 4.38 28.54
CA LEU A 458 -10.54 3.61 28.85
C LEU A 458 -9.29 4.45 28.58
N PRO A 459 -8.16 4.12 29.24
CA PRO A 459 -6.88 4.76 28.91
C PRO A 459 -6.22 4.22 27.63
N PHE A 460 -5.44 5.13 27.02
CA PHE A 460 -4.53 4.79 25.95
C PHE A 460 -3.63 3.62 26.34
N ASP A 461 -3.00 3.71 27.52
CA ASP A 461 -2.07 2.70 27.97
C ASP A 461 -2.85 1.57 28.64
N LEU A 462 -2.75 0.34 28.11
CA LEU A 462 -3.58 -0.77 28.58
C LEU A 462 -2.78 -1.75 29.43
N THR A 463 -1.54 -1.37 29.75
CA THR A 463 -0.58 -2.24 30.42
C THR A 463 -1.20 -2.79 31.71
N ASP A 464 -1.80 -1.88 32.48
CA ASP A 464 -2.34 -2.20 33.81
C ASP A 464 -3.51 -3.16 33.66
N ILE A 465 -4.43 -2.79 32.76
CA ILE A 465 -5.57 -3.60 32.42
C ILE A 465 -5.14 -5.00 31.95
N VAL A 466 -4.11 -5.07 31.10
CA VAL A 466 -3.68 -6.35 30.59
C VAL A 466 -3.04 -7.20 31.70
N SER A 467 -2.27 -6.56 32.60
CA SER A 467 -1.68 -7.23 33.77
C SER A 467 -2.72 -7.96 34.61
N GLU A 468 -3.80 -7.24 34.96
CA GLU A 468 -4.82 -7.71 35.88
C GLU A 468 -5.49 -8.94 35.26
N LEU A 469 -5.78 -8.85 33.95
CA LEU A 469 -6.51 -9.91 33.26
C LEU A 469 -5.68 -11.18 33.23
N ARG A 470 -4.37 -11.06 32.98
CA ARG A 470 -3.49 -12.22 32.96
C ARG A 470 -3.44 -12.82 34.37
N GLY A 471 -3.22 -11.94 35.37
CA GLY A 471 -3.26 -12.35 36.76
C GLY A 471 -4.47 -13.24 37.05
N GLN A 472 -5.64 -12.73 36.65
CA GLN A 472 -6.88 -13.37 37.03
C GLN A 472 -6.95 -14.77 36.42
N LEU A 473 -6.42 -14.92 35.20
CA LEU A 473 -6.50 -16.18 34.50
C LEU A 473 -5.71 -17.24 35.26
N LEU A 474 -4.69 -16.80 36.01
CA LEU A 474 -3.74 -17.67 36.70
C LEU A 474 -4.18 -17.98 38.13
N GLU A 475 -5.32 -17.44 38.57
CA GLU A 475 -5.90 -17.72 39.89
C GLU A 475 -6.16 -19.22 40.03
#